data_8JOZ
#
_entry.id   8JOZ
#
_cell.length_a   65.614
_cell.length_b   65.614
_cell.length_c   584.532
_cell.angle_alpha   90.00
_cell.angle_beta   90.00
_cell.angle_gamma   120.00
#
_symmetry.space_group_name_H-M   'P 61 2 2'
#
loop_
_entity.id
_entity.type
_entity.pdbx_description
1 polymer 'tRNA 5-carboxymethoxyuridine methyltransferase'
2 polymer 'tRNA Ser (88-MER)'
3 non-polymer SINEFUNGIN
4 non-polymer 'MAGNESIUM ION'
5 water water
#
loop_
_entity_poly.entity_id
_entity_poly.type
_entity_poly.pdbx_seq_one_letter_code
_entity_poly.pdbx_strand_id
1 'polypeptide(L)'
;MRGSHHHHHHTDPALRAQDRNFDDIAEKFSRNIYGTTKGQLRQAILWQDLDRVLAEMGPQKLRVLDAGGGEGQTAIKMAE
RGHQVILCDLSAQMIDRAKQAAEAKGVSDNMQFIHCAAQDVASHLETPVDLILFHAVLEWVADPRSVLQTLWSVLRPGGV
LSLMFYNAHGLLMHNMVAGNFDYVQAGMPKKKKRTLSPDYPRDPAQVYLWLEEAGWQIMGKTGVRVFHDYLREKHQQRDC
YEALLELETRYCRQEPYITLGRYIHVTARKPQSKDKVGLCGR
;
A
2 'polyribonucleotide'
;GGAAGUG(4SU)GGCCGAGC(OMG)G(H2U)(H2U)GAAGGCACCGGU(OMC)U(CM0)GA(ZJS)AACCGGCGACCCGA
AAGGGUUCCAGAG(5MU)(PSU)CGAAUCUCUGCGCUUCCGCCA
;
B
#
loop_
_chem_comp.id
_chem_comp.type
_chem_comp.name
_chem_comp.formula
4SU RNA linking 4-THIOURIDINE-5'-MONOPHOSPHATE 'C9 H13 N2 O8 P S'
5MU RNA linking '5-METHYLURIDINE 5'-MONOPHOSPHATE' 'C10 H15 N2 O9 P'
A RNA linking ADENOSINE-5'-MONOPHOSPHATE 'C10 H14 N5 O7 P'
C RNA linking CYTIDINE-5'-MONOPHOSPHATE 'C9 H14 N3 O8 P'
CM0 RNA linking '5-(CARBOXYMETHOXY) URIDINE-5'-MONOPHOSPHATE' 'C11 H15 N2 O12 P'
G RNA linking GUANOSINE-5'-MONOPHOSPHATE 'C10 H14 N5 O8 P'
H2U RNA linking 5,6-DIHYDROURIDINE-5'-MONOPHOSPHATE 'C9 H15 N2 O9 P'
MG non-polymer 'MAGNESIUM ION' 'Mg 2'
OMC RNA linking O2'-METHYLYCYTIDINE-5'-MONOPHOSPHATE 'C10 H16 N3 O8 P'
OMG RNA linking O2'-METHYLGUANOSINE-5'-MONOPHOSPHATE 'C11 H16 N5 O8 P'
PSU RNA linking PSEUDOURIDINE-5'-MONOPHOSPHATE 'C9 H13 N2 O9 P'
SFG non-polymer SINEFUNGIN 'C15 H23 N7 O5'
U RNA linking URIDINE-5'-MONOPHOSPHATE 'C9 H13 N2 O9 P'
ZJS non-polymer 'N-(3-methylbut-2-en-1-yl)adenosine 5'-(dihydrogen phosphate)' 'C15 H22 N5 O7 P'
#
# COMPACT_ATOMS: atom_id res chain seq x y z
N ALA A 17 17.97 -13.75 -1.69
CA ALA A 17 16.57 -13.44 -1.36
C ALA A 17 15.95 -12.51 -2.40
N GLN A 18 14.86 -12.96 -3.01
CA GLN A 18 14.16 -12.22 -4.06
C GLN A 18 12.85 -11.66 -3.51
N ASP A 19 12.33 -10.66 -4.21
CA ASP A 19 11.03 -10.09 -3.87
C ASP A 19 9.92 -11.08 -4.18
N ARG A 20 8.78 -10.93 -3.48
CA ARG A 20 7.68 -11.88 -3.62
C ARG A 20 6.83 -11.52 -4.83
N ASN A 21 6.97 -12.30 -5.90
CA ASN A 21 6.02 -12.30 -7.01
C ASN A 21 4.70 -12.87 -6.53
N PHE A 22 3.59 -12.16 -6.79
CA PHE A 22 2.29 -12.60 -6.28
C PHE A 22 1.57 -13.61 -7.17
N ASP A 23 2.25 -14.16 -8.20
CA ASP A 23 1.64 -15.09 -9.15
C ASP A 23 0.82 -16.18 -8.45
N ASP A 24 1.45 -16.97 -7.59
CA ASP A 24 0.77 -18.12 -7.01
C ASP A 24 -0.04 -17.79 -5.74
N ILE A 25 -0.37 -16.53 -5.48
CA ILE A 25 -1.34 -16.18 -4.44
C ILE A 25 -2.27 -15.10 -4.97
N ALA A 26 -2.34 -14.95 -6.30
CA ALA A 26 -3.11 -13.86 -6.86
C ALA A 26 -4.59 -13.99 -6.52
N GLU A 27 -5.13 -15.21 -6.67
CA GLU A 27 -6.54 -15.45 -6.40
C GLU A 27 -6.83 -15.32 -4.91
N LYS A 28 -6.03 -16.00 -4.07
CA LYS A 28 -6.18 -15.91 -2.62
C LYS A 28 -6.18 -14.47 -2.12
N PHE A 29 -5.21 -13.68 -2.61
CA PHE A 29 -5.11 -12.26 -2.24
C PHE A 29 -6.37 -11.50 -2.65
N SER A 30 -6.79 -11.66 -3.90
CA SER A 30 -7.97 -10.95 -4.38
C SER A 30 -9.21 -11.36 -3.61
N ARG A 31 -9.32 -12.65 -3.27
CA ARG A 31 -10.51 -13.12 -2.56
C ARG A 31 -10.49 -12.70 -1.09
N ASN A 32 -9.41 -13.03 -0.36
CA ASN A 32 -9.40 -12.78 1.09
C ASN A 32 -9.27 -11.30 1.42
N ILE A 33 -8.58 -10.50 0.60
CA ILE A 33 -8.40 -9.09 0.93
C ILE A 33 -9.46 -8.24 0.23
N TYR A 34 -9.44 -8.20 -1.10
CA TYR A 34 -10.39 -7.32 -1.75
C TYR A 34 -11.80 -7.89 -1.80
N GLY A 35 -11.98 -9.18 -1.56
CA GLY A 35 -13.31 -9.70 -1.38
C GLY A 35 -13.90 -9.56 0.02
N THR A 36 -13.24 -8.88 0.96
CA THR A 36 -13.79 -8.74 2.32
C THR A 36 -13.63 -7.30 2.79
N THR A 37 -14.11 -7.05 4.02
CA THR A 37 -13.98 -5.72 4.61
C THR A 37 -12.53 -5.32 4.81
N LYS A 38 -11.62 -6.29 4.79
CA LYS A 38 -10.20 -5.98 4.91
C LYS A 38 -9.77 -5.05 3.79
N GLY A 39 -10.15 -5.38 2.56
CA GLY A 39 -9.81 -4.58 1.39
C GLY A 39 -10.62 -3.31 1.32
N GLN A 40 -11.90 -3.43 1.66
CA GLN A 40 -12.79 -2.29 1.63
C GLN A 40 -12.32 -1.19 2.58
N LEU A 41 -11.93 -1.57 3.81
CA LEU A 41 -11.45 -0.58 4.77
C LEU A 41 -10.10 -0.01 4.35
N ARG A 42 -9.18 -0.88 3.92
CA ARG A 42 -7.93 -0.43 3.31
C ARG A 42 -8.18 0.69 2.30
N GLN A 43 -9.01 0.43 1.31
CA GLN A 43 -9.25 1.41 0.26
C GLN A 43 -9.92 2.68 0.80
N ALA A 44 -10.85 2.52 1.74
CA ALA A 44 -11.57 3.68 2.27
C ALA A 44 -10.61 4.65 2.94
N ILE A 45 -9.80 4.14 3.88
CA ILE A 45 -8.89 5.02 4.60
C ILE A 45 -7.88 5.63 3.63
N LEU A 46 -7.24 4.77 2.83
CA LEU A 46 -6.25 5.20 1.86
C LEU A 46 -6.77 6.35 1.00
N TRP A 47 -8.01 6.24 0.52
CA TRP A 47 -8.53 7.27 -0.37
C TRP A 47 -8.93 8.54 0.38
N GLN A 48 -9.23 8.46 1.67
CA GLN A 48 -9.31 9.69 2.46
C GLN A 48 -8.02 10.49 2.34
N ASP A 49 -6.87 9.83 2.50
CA ASP A 49 -5.60 10.51 2.39
C ASP A 49 -5.35 10.95 0.95
N LEU A 50 -5.55 10.04 -0.01
CA LEU A 50 -5.14 10.32 -1.38
C LEU A 50 -5.91 11.50 -1.95
N ASP A 51 -7.22 11.56 -1.69
CA ASP A 51 -8.01 12.69 -2.18
C ASP A 51 -7.54 14.01 -1.57
N ARG A 52 -7.11 13.99 -0.31
CA ARG A 52 -6.47 15.16 0.25
C ARG A 52 -5.20 15.52 -0.52
N VAL A 53 -4.39 14.50 -0.86
CA VAL A 53 -3.15 14.75 -1.59
C VAL A 53 -3.45 15.33 -2.97
N LEU A 54 -4.37 14.70 -3.69
CA LEU A 54 -4.70 15.15 -5.04
C LEU A 54 -5.15 16.60 -5.05
N ALA A 55 -5.99 16.98 -4.08
CA ALA A 55 -6.46 18.36 -4.03
C ALA A 55 -5.32 19.31 -3.68
N GLU A 56 -4.52 18.94 -2.67
CA GLU A 56 -3.43 19.82 -2.25
C GLU A 56 -2.35 19.95 -3.31
N MET A 57 -2.33 19.06 -4.31
CA MET A 57 -1.35 19.13 -5.39
C MET A 57 -1.84 19.93 -6.58
N GLY A 58 -2.82 20.81 -6.37
CA GLY A 58 -3.35 21.59 -7.46
C GLY A 58 -4.32 20.79 -8.32
N PRO A 59 -5.10 21.50 -9.14
CA PRO A 59 -6.16 20.84 -9.92
C PRO A 59 -5.73 20.26 -11.25
N GLN A 60 -4.47 20.42 -11.64
CA GLN A 60 -4.00 19.81 -12.88
C GLN A 60 -3.96 18.29 -12.75
N LYS A 61 -4.09 17.61 -13.89
CA LYS A 61 -3.99 16.16 -13.89
C LYS A 61 -2.54 15.73 -13.74
N LEU A 62 -2.33 14.53 -13.21
CA LEU A 62 -1.01 14.12 -12.76
C LEU A 62 -0.52 12.87 -13.48
N ARG A 63 0.79 12.68 -13.43
CA ARG A 63 1.45 11.44 -13.82
C ARG A 63 1.70 10.64 -12.56
N VAL A 64 1.12 9.44 -12.50
CA VAL A 64 1.14 8.62 -11.30
C VAL A 64 1.76 7.26 -11.61
N LEU A 65 2.88 6.94 -10.95
CA LEU A 65 3.44 5.60 -11.00
C LEU A 65 2.85 4.76 -9.87
N ASP A 66 2.22 3.65 -10.22
CA ASP A 66 1.77 2.67 -9.21
C ASP A 66 2.74 1.50 -9.27
N ALA A 67 3.82 1.61 -8.51
CA ALA A 67 4.87 0.60 -8.50
C ALA A 67 4.39 -0.60 -7.68
N GLY A 68 4.37 -1.78 -8.30
CA GLY A 68 3.80 -2.93 -7.63
C GLY A 68 2.30 -2.81 -7.47
N GLY A 69 1.60 -2.35 -8.51
CA GLY A 69 0.19 -2.03 -8.41
C GLY A 69 -0.73 -3.22 -8.35
N GLY A 70 -0.22 -4.43 -8.57
CA GLY A 70 -1.01 -5.63 -8.37
C GLY A 70 -2.18 -5.72 -9.32
N GLU A 71 -3.36 -5.99 -8.78
CA GLU A 71 -4.55 -6.12 -9.59
C GLU A 71 -5.14 -4.77 -9.99
N GLY A 72 -4.56 -3.67 -9.51
CA GLY A 72 -4.86 -2.35 -10.04
C GLY A 72 -6.12 -1.67 -9.54
N GLN A 73 -6.65 -2.07 -8.38
CA GLN A 73 -7.84 -1.41 -7.87
C GLN A 73 -7.57 0.06 -7.58
N THR A 74 -6.45 0.35 -6.91
CA THR A 74 -6.09 1.73 -6.63
C THR A 74 -5.70 2.47 -7.92
N ALA A 75 -4.96 1.81 -8.82
CA ALA A 75 -4.52 2.50 -10.03
C ALA A 75 -5.70 2.88 -10.91
N ILE A 76 -6.69 1.99 -11.03
CA ILE A 76 -7.86 2.30 -11.85
C ILE A 76 -8.65 3.47 -11.26
N LYS A 77 -8.82 3.49 -9.92
CA LYS A 77 -9.51 4.61 -9.30
C LYS A 77 -8.76 5.92 -9.52
N MET A 78 -7.43 5.88 -9.56
CA MET A 78 -6.68 7.07 -9.97
C MET A 78 -6.98 7.43 -11.40
N ALA A 79 -7.13 6.43 -12.28
CA ALA A 79 -7.38 6.69 -13.70
C ALA A 79 -8.77 7.25 -13.92
N GLU A 80 -9.76 6.73 -13.19
CA GLU A 80 -11.11 7.27 -13.22
C GLU A 80 -11.16 8.76 -12.90
N ARG A 81 -10.25 9.23 -12.05
CA ARG A 81 -10.16 10.65 -11.76
C ARG A 81 -9.32 11.42 -12.78
N GLY A 82 -8.99 10.82 -13.92
CA GLY A 82 -8.46 11.56 -15.05
C GLY A 82 -6.95 11.63 -15.20
N HIS A 83 -6.18 11.03 -14.30
CA HIS A 83 -4.74 11.14 -14.42
C HIS A 83 -4.18 10.05 -15.33
N GLN A 84 -2.94 10.28 -15.77
CA GLN A 84 -2.14 9.28 -16.48
C GLN A 84 -1.47 8.39 -15.44
N VAL A 85 -1.78 7.09 -15.49
CA VAL A 85 -1.35 6.14 -14.48
C VAL A 85 -0.51 5.07 -15.16
N ILE A 86 0.69 4.85 -14.63
CA ILE A 86 1.59 3.79 -15.07
C ILE A 86 1.66 2.75 -13.97
N LEU A 87 1.25 1.53 -14.27
CA LEU A 87 1.29 0.44 -13.31
C LEU A 87 2.39 -0.54 -13.73
N CYS A 88 3.33 -0.81 -12.83
CA CYS A 88 4.30 -1.87 -13.04
C CYS A 88 4.17 -2.92 -11.94
N ASP A 89 4.46 -4.18 -12.28
CA ASP A 89 4.40 -5.25 -11.28
C ASP A 89 5.29 -6.41 -11.72
N LEU A 90 5.85 -7.10 -10.73
CA LEU A 90 6.64 -8.32 -10.97
C LEU A 90 5.79 -9.42 -11.57
N SER A 91 4.50 -9.47 -11.24
CA SER A 91 3.69 -10.65 -11.51
C SER A 91 2.96 -10.48 -12.83
N ALA A 92 3.25 -11.38 -13.79
CA ALA A 92 2.49 -11.42 -15.02
C ALA A 92 1.00 -11.64 -14.75
N GLN A 93 0.68 -12.49 -13.78
CA GLN A 93 -0.72 -12.76 -13.47
C GLN A 93 -1.44 -11.53 -12.92
N MET A 94 -0.76 -10.75 -12.05
CA MET A 94 -1.39 -9.53 -11.58
C MET A 94 -1.54 -8.50 -12.69
N ILE A 95 -0.57 -8.41 -13.59
CA ILE A 95 -0.68 -7.46 -14.70
C ILE A 95 -1.90 -7.79 -15.55
N ASP A 96 -2.07 -9.08 -15.90
CA ASP A 96 -3.20 -9.45 -16.73
C ASP A 96 -4.53 -9.11 -16.04
N ARG A 97 -4.64 -9.43 -14.74
CA ARG A 97 -5.83 -9.05 -13.99
C ARG A 97 -6.08 -7.55 -14.04
N ALA A 98 -5.02 -6.75 -13.84
CA ALA A 98 -5.18 -5.30 -13.86
C ALA A 98 -5.61 -4.81 -15.24
N LYS A 99 -5.07 -5.42 -16.30
CA LYS A 99 -5.48 -5.06 -17.67
C LYS A 99 -6.97 -5.31 -17.88
N GLN A 100 -7.47 -6.47 -17.44
CA GLN A 100 -8.89 -6.79 -17.65
C GLN A 100 -9.78 -5.82 -16.88
N ALA A 101 -9.49 -5.63 -15.58
CA ALA A 101 -10.31 -4.75 -14.77
C ALA A 101 -10.34 -3.34 -15.32
N ALA A 102 -9.23 -2.87 -15.89
CA ALA A 102 -9.19 -1.52 -16.43
C ALA A 102 -10.07 -1.39 -17.66
N GLU A 103 -9.96 -2.35 -18.60
CA GLU A 103 -10.86 -2.36 -19.75
C GLU A 103 -12.31 -2.28 -19.31
N ALA A 104 -12.71 -3.19 -18.44
CA ALA A 104 -14.05 -3.24 -17.87
C ALA A 104 -14.40 -2.04 -17.04
N LYS A 105 -13.57 -1.00 -16.98
CA LYS A 105 -13.93 0.25 -16.36
C LYS A 105 -13.77 1.40 -17.33
N GLY A 106 -13.27 1.12 -18.53
CA GLY A 106 -13.15 2.12 -19.58
C GLY A 106 -12.02 3.11 -19.42
N VAL A 107 -10.97 2.75 -18.68
CA VAL A 107 -9.89 3.68 -18.37
C VAL A 107 -8.55 3.23 -18.97
N SER A 108 -8.56 2.24 -19.87
CA SER A 108 -7.32 1.70 -20.42
C SER A 108 -6.52 2.73 -21.21
N ASP A 109 -7.16 3.76 -21.75
CA ASP A 109 -6.42 4.76 -22.52
C ASP A 109 -5.54 5.62 -21.62
N ASN A 110 -5.96 5.85 -20.37
CA ASN A 110 -5.16 6.57 -19.40
C ASN A 110 -4.16 5.70 -18.68
N MET A 111 -3.91 4.48 -19.12
CA MET A 111 -3.16 3.55 -18.29
C MET A 111 -2.10 2.83 -19.08
N GLN A 112 -0.94 2.66 -18.45
CA GLN A 112 0.14 1.87 -18.98
C GLN A 112 0.45 0.75 -18.00
N PHE A 113 0.74 -0.44 -18.54
CA PHE A 113 1.05 -1.62 -17.76
C PHE A 113 2.43 -2.13 -18.14
N ILE A 114 3.29 -2.30 -17.13
CA ILE A 114 4.67 -2.69 -17.36
C ILE A 114 5.02 -3.89 -16.50
N HIS A 115 5.47 -4.97 -17.13
CA HIS A 115 5.89 -6.16 -16.41
C HIS A 115 7.39 -6.02 -16.08
N CYS A 116 7.68 -5.29 -14.99
CA CYS A 116 9.05 -5.14 -14.50
C CYS A 116 9.04 -4.93 -13.01
N ALA A 117 10.19 -5.18 -12.39
CA ALA A 117 10.39 -4.83 -11.00
C ALA A 117 10.35 -3.32 -10.83
N ALA A 118 9.87 -2.86 -9.67
CA ALA A 118 9.94 -1.43 -9.39
C ALA A 118 11.38 -0.94 -9.50
N GLN A 119 12.35 -1.76 -9.11
CA GLN A 119 13.77 -1.43 -9.22
C GLN A 119 14.19 -1.09 -10.65
N ASP A 120 13.54 -1.66 -11.66
CA ASP A 120 13.94 -1.50 -13.04
C ASP A 120 13.05 -0.54 -13.81
N VAL A 121 12.17 0.18 -13.12
CA VAL A 121 11.13 0.94 -13.80
C VAL A 121 11.67 2.20 -14.50
N ALA A 122 12.81 2.74 -14.09
CA ALA A 122 13.24 4.04 -14.61
C ALA A 122 13.42 4.00 -16.11
N SER A 123 13.89 2.87 -16.66
CA SER A 123 14.10 2.81 -18.10
C SER A 123 12.80 2.72 -18.89
N HIS A 124 11.65 2.59 -18.25
CA HIS A 124 10.36 2.55 -18.95
C HIS A 124 9.60 3.86 -18.90
N LEU A 125 10.10 4.87 -18.20
CA LEU A 125 9.45 6.16 -18.09
C LEU A 125 10.15 7.17 -19.00
N GLU A 126 9.37 7.87 -19.83
CA GLU A 126 10.00 8.90 -20.66
C GLU A 126 10.28 10.16 -19.86
N THR A 127 9.49 10.42 -18.82
CA THR A 127 9.56 11.65 -18.05
C THR A 127 9.22 11.31 -16.61
N PRO A 128 9.68 12.12 -15.65
CA PRO A 128 9.39 11.83 -14.23
C PRO A 128 7.90 11.83 -13.96
N VAL A 129 7.55 11.37 -12.77
CA VAL A 129 6.15 11.28 -12.37
C VAL A 129 5.90 12.29 -11.27
N ASP A 130 4.62 12.58 -11.04
CA ASP A 130 4.21 13.49 -9.99
C ASP A 130 3.96 12.80 -8.66
N LEU A 131 3.41 11.59 -8.72
CA LEU A 131 2.97 10.86 -7.54
C LEU A 131 3.29 9.39 -7.73
N ILE A 132 3.84 8.78 -6.68
CA ILE A 132 4.15 7.37 -6.66
C ILE A 132 3.26 6.70 -5.62
N LEU A 133 2.61 5.62 -6.01
CA LEU A 133 1.94 4.71 -5.10
C LEU A 133 2.85 3.51 -4.89
N PHE A 134 3.18 3.21 -3.64
CA PHE A 134 3.93 2.01 -3.27
C PHE A 134 3.14 1.38 -2.12
N HIS A 135 2.12 0.58 -2.45
CA HIS A 135 1.12 0.14 -1.48
C HIS A 135 1.25 -1.37 -1.25
N ALA A 136 1.50 -1.74 0.00
CA ALA A 136 1.63 -3.16 0.38
C ALA A 136 2.66 -3.88 -0.49
N VAL A 137 3.80 -3.21 -0.73
CA VAL A 137 4.95 -3.80 -1.42
C VAL A 137 6.17 -3.88 -0.54
N LEU A 138 6.40 -2.86 0.30
CA LEU A 138 7.64 -2.73 1.07
C LEU A 138 7.93 -3.97 1.93
N GLU A 139 6.89 -4.57 2.51
CA GLU A 139 7.02 -5.74 3.37
C GLU A 139 7.26 -7.02 2.59
N TRP A 140 7.29 -6.94 1.26
CA TRP A 140 7.51 -8.07 0.38
C TRP A 140 8.82 -7.98 -0.41
N VAL A 141 9.57 -6.88 -0.30
CA VAL A 141 10.82 -6.73 -1.05
C VAL A 141 12.00 -6.96 -0.11
N ALA A 142 13.02 -7.64 -0.61
CA ALA A 142 14.15 -8.00 0.24
C ALA A 142 14.99 -6.79 0.62
N ASP A 143 15.10 -5.79 -0.26
CA ASP A 143 15.99 -4.65 -0.05
C ASP A 143 15.17 -3.37 -0.10
N PRO A 144 14.40 -3.08 0.95
CA PRO A 144 13.53 -1.88 0.91
C PRO A 144 14.30 -0.58 0.71
N ARG A 145 15.47 -0.41 1.34
CA ARG A 145 16.19 0.85 1.21
C ARG A 145 16.48 1.16 -0.26
N SER A 146 16.87 0.13 -1.01
CA SER A 146 17.25 0.29 -2.40
C SER A 146 16.05 0.65 -3.27
N VAL A 147 14.90 0.00 -3.08
CA VAL A 147 13.74 0.32 -3.92
C VAL A 147 13.30 1.76 -3.71
N LEU A 148 13.29 2.21 -2.45
CA LEU A 148 12.93 3.59 -2.16
C LEU A 148 13.87 4.56 -2.86
N GLN A 149 15.15 4.20 -2.97
CA GLN A 149 16.09 5.11 -3.62
C GLN A 149 15.77 5.23 -5.11
N THR A 150 15.43 4.11 -5.75
CA THR A 150 15.02 4.15 -7.14
C THR A 150 13.77 4.99 -7.32
N LEU A 151 12.75 4.76 -6.48
CA LEU A 151 11.50 5.51 -6.60
C LEU A 151 11.76 7.00 -6.48
N TRP A 152 12.62 7.39 -5.54
CA TRP A 152 13.03 8.79 -5.43
C TRP A 152 13.55 9.32 -6.77
N SER A 153 14.33 8.51 -7.48
CA SER A 153 15.02 9.02 -8.66
C SER A 153 14.07 9.30 -9.82
N VAL A 154 12.85 8.75 -9.81
CA VAL A 154 11.90 8.96 -10.90
C VAL A 154 10.80 9.94 -10.51
N LEU A 155 10.93 10.56 -9.35
CA LEU A 155 9.95 11.51 -8.86
C LEU A 155 10.46 12.94 -9.08
N ARG A 156 9.63 13.78 -9.70
CA ARG A 156 10.01 15.17 -9.88
C ARG A 156 10.13 15.88 -8.53
N PRO A 157 10.92 16.96 -8.45
CA PRO A 157 10.94 17.77 -7.23
C PRO A 157 9.54 18.27 -6.89
N GLY A 158 9.21 18.21 -5.59
CA GLY A 158 7.86 18.50 -5.16
C GLY A 158 6.88 17.35 -5.29
N GLY A 159 7.28 16.22 -5.87
CA GLY A 159 6.39 15.09 -5.98
C GLY A 159 6.17 14.39 -4.66
N VAL A 160 5.16 13.52 -4.63
CA VAL A 160 4.73 12.88 -3.39
C VAL A 160 4.85 11.37 -3.54
N LEU A 161 5.27 10.72 -2.46
CA LEU A 161 5.28 9.27 -2.35
C LEU A 161 4.18 8.85 -1.38
N SER A 162 3.28 7.99 -1.85
CA SER A 162 2.19 7.44 -1.07
C SER A 162 2.57 6.01 -0.69
N LEU A 163 3.04 5.83 0.54
CA LEU A 163 3.71 4.61 0.98
C LEU A 163 2.86 3.91 2.02
N MET A 164 2.36 2.73 1.68
CA MET A 164 1.60 1.93 2.63
C MET A 164 2.33 0.64 2.84
N PHE A 165 2.79 0.42 4.07
CA PHE A 165 3.58 -0.73 4.44
C PHE A 165 2.92 -1.48 5.57
N TYR A 166 3.20 -2.79 5.60
CA TYR A 166 2.62 -3.67 6.60
C TYR A 166 3.38 -3.52 7.92
N ASN A 167 2.63 -3.36 9.00
CA ASN A 167 3.17 -2.94 10.29
C ASN A 167 3.38 -4.17 11.17
N ALA A 168 4.61 -4.36 11.65
CA ALA A 168 4.93 -5.51 12.49
C ALA A 168 4.17 -5.47 13.80
N HIS A 169 3.83 -4.27 14.29
CA HIS A 169 3.08 -4.20 15.54
C HIS A 169 1.69 -4.78 15.37
N GLY A 170 1.06 -4.58 14.20
CA GLY A 170 -0.27 -5.11 13.99
C GLY A 170 -0.30 -6.63 14.03
N LEU A 171 0.79 -7.26 13.58
CA LEU A 171 0.86 -8.70 13.57
C LEU A 171 1.11 -9.24 14.97
N LEU A 172 2.00 -8.60 15.71
CA LEU A 172 2.15 -8.93 17.13
C LEU A 172 0.82 -8.77 17.87
N MET A 173 0.22 -7.59 17.75
CA MET A 173 -1.01 -7.31 18.48
C MET A 173 -2.13 -8.29 18.14
N HIS A 174 -2.33 -8.56 16.83
CA HIS A 174 -3.44 -9.45 16.50
C HIS A 174 -3.15 -10.88 16.92
N ASN A 175 -1.92 -11.34 16.77
CA ASN A 175 -1.62 -12.67 17.24
C ASN A 175 -1.85 -12.78 18.74
N MET A 176 -1.57 -11.70 19.49
CA MET A 176 -1.86 -11.70 20.92
C MET A 176 -3.36 -11.75 21.18
N VAL A 177 -4.12 -10.83 20.55
CA VAL A 177 -5.57 -10.79 20.69
C VAL A 177 -6.20 -12.14 20.38
N ALA A 178 -5.69 -12.84 19.37
CA ALA A 178 -6.23 -14.13 18.94
C ALA A 178 -5.81 -15.27 19.85
N GLY A 179 -4.84 -15.02 20.74
CA GLY A 179 -4.40 -16.01 21.70
C GLY A 179 -3.35 -16.99 21.20
N ASN A 180 -2.64 -16.68 20.11
CA ASN A 180 -1.58 -17.54 19.58
C ASN A 180 -0.28 -17.26 20.34
N PHE A 181 -0.30 -17.58 21.63
CA PHE A 181 0.80 -17.17 22.49
C PHE A 181 2.08 -17.91 22.16
N ASP A 182 1.98 -19.21 21.81
CA ASP A 182 3.17 -19.99 21.47
C ASP A 182 3.91 -19.40 20.29
N TYR A 183 3.15 -19.01 19.25
CA TYR A 183 3.75 -18.41 18.07
C TYR A 183 4.47 -17.10 18.40
N VAL A 184 3.86 -16.26 19.24
CA VAL A 184 4.49 -15.01 19.63
C VAL A 184 5.71 -15.26 20.49
N GLN A 185 5.59 -16.19 21.46
CA GLN A 185 6.75 -16.60 22.25
C GLN A 185 7.93 -16.94 21.35
N ALA A 186 7.68 -17.68 20.27
CA ALA A 186 8.71 -18.11 19.33
C ALA A 186 9.13 -17.02 18.35
N GLY A 187 8.67 -15.78 18.50
CA GLY A 187 9.10 -14.73 17.60
C GLY A 187 8.34 -14.61 16.29
N MET A 188 7.20 -15.29 16.16
CA MET A 188 6.39 -15.33 14.94
C MET A 188 7.18 -15.55 13.65
N PRO A 189 7.97 -16.63 13.57
CA PRO A 189 8.69 -16.90 12.32
C PRO A 189 7.72 -17.20 11.18
N LYS A 190 8.05 -16.71 10.00
CA LYS A 190 7.23 -16.97 8.81
C LYS A 190 7.71 -18.28 8.21
N LYS A 191 6.96 -19.37 8.45
CA LYS A 191 7.26 -20.67 7.87
C LYS A 191 6.18 -21.14 6.91
N LYS A 192 5.00 -20.52 6.93
CA LYS A 192 3.92 -20.92 6.05
C LYS A 192 4.10 -20.29 4.68
N LYS A 193 4.24 -21.15 3.68
CA LYS A 193 4.22 -20.68 2.31
C LYS A 193 2.79 -20.35 1.92
N ARG A 194 2.66 -19.36 1.04
CA ARG A 194 1.41 -18.94 0.43
C ARG A 194 0.40 -18.40 1.43
N THR A 195 0.85 -17.95 2.60
CA THR A 195 -0.03 -17.18 3.46
C THR A 195 -0.04 -15.73 2.98
N LEU A 196 -1.04 -14.98 3.41
CA LEU A 196 -1.01 -13.56 3.08
C LEU A 196 -0.27 -12.72 4.13
N SER A 197 0.19 -13.33 5.23
CA SER A 197 1.11 -12.65 6.14
C SER A 197 2.46 -12.44 5.44
N PRO A 198 2.97 -11.22 5.42
CA PRO A 198 4.10 -10.91 4.53
C PRO A 198 5.43 -11.47 5.00
N ASP A 199 6.39 -11.49 4.04
CA ASP A 199 7.72 -11.99 4.33
C ASP A 199 8.47 -11.13 5.33
N TYR A 200 8.32 -9.80 5.25
CA TYR A 200 9.10 -8.87 6.07
C TYR A 200 8.20 -7.80 6.66
N PRO A 201 7.46 -8.12 7.71
CA PRO A 201 6.71 -7.08 8.42
C PRO A 201 7.67 -6.02 8.94
N ARG A 202 7.30 -4.76 8.80
CA ARG A 202 8.23 -3.65 9.02
C ARG A 202 7.96 -2.97 10.36
N ASP A 203 9.05 -2.54 10.98
CA ASP A 203 9.01 -1.67 12.14
C ASP A 203 8.77 -0.23 11.66
N PRO A 204 7.67 0.41 12.06
CA PRO A 204 7.36 1.74 11.53
C PRO A 204 8.43 2.79 11.81
N ALA A 205 9.04 2.77 13.00
CA ALA A 205 10.13 3.70 13.31
C ALA A 205 11.29 3.51 12.34
N GLN A 206 11.61 2.28 11.98
CA GLN A 206 12.69 2.08 11.04
C GLN A 206 12.31 2.61 9.66
N VAL A 207 11.06 2.38 9.24
CA VAL A 207 10.61 2.89 7.95
C VAL A 207 10.66 4.41 7.91
N TYR A 208 10.30 5.06 9.03
CA TYR A 208 10.35 6.52 9.05
C TYR A 208 11.77 7.02 8.88
N LEU A 209 12.72 6.40 9.59
CA LEU A 209 14.15 6.65 9.39
C LEU A 209 14.56 6.51 7.93
N TRP A 210 14.17 5.40 7.28
CA TRP A 210 14.57 5.19 5.89
C TRP A 210 14.17 6.38 5.04
N LEU A 211 12.98 6.94 5.28
CA LEU A 211 12.49 8.03 4.47
C LEU A 211 13.22 9.33 4.78
N GLU A 212 13.46 9.59 6.06
CA GLU A 212 14.07 10.86 6.46
C GLU A 212 15.54 10.89 6.11
N GLU A 213 16.24 9.75 6.28
CA GLU A 213 17.65 9.70 5.92
C GLU A 213 17.83 9.87 4.42
N ALA A 214 16.93 9.32 3.61
CA ALA A 214 16.99 9.44 2.17
C ALA A 214 16.38 10.75 1.66
N GLY A 215 16.17 11.73 2.53
CA GLY A 215 15.82 13.08 2.13
C GLY A 215 14.34 13.39 2.10
N TRP A 216 13.47 12.39 2.06
CA TRP A 216 12.03 12.63 2.07
C TRP A 216 11.63 13.44 3.31
N GLN A 217 10.56 14.20 3.19
CA GLN A 217 9.97 14.86 4.34
C GLN A 217 8.54 14.35 4.56
N ILE A 218 8.28 13.87 5.76
CA ILE A 218 7.03 13.18 6.03
C ILE A 218 5.93 14.21 6.28
N MET A 219 4.83 14.09 5.54
CA MET A 219 3.69 15.00 5.72
C MET A 219 2.51 14.37 6.47
N GLY A 220 2.39 13.04 6.52
CA GLY A 220 1.28 12.42 7.21
C GLY A 220 1.56 10.96 7.53
N LYS A 221 0.93 10.49 8.61
CA LYS A 221 0.94 9.09 9.03
C LYS A 221 -0.49 8.69 9.38
N THR A 222 -0.95 7.59 8.80
CA THR A 222 -2.32 7.13 8.98
C THR A 222 -2.29 5.64 9.29
N GLY A 223 -2.96 5.23 10.35
CA GLY A 223 -3.17 3.81 10.58
C GLY A 223 -4.29 3.30 9.70
N VAL A 224 -4.08 2.14 9.11
CA VAL A 224 -5.03 1.51 8.18
C VAL A 224 -5.49 0.21 8.82
N ARG A 225 -6.76 0.18 9.26
CA ARG A 225 -7.34 -0.90 10.07
C ARG A 225 -6.67 -0.94 11.44
N VAL A 226 -7.07 -0.01 12.33
CA VAL A 226 -6.50 0.08 13.66
C VAL A 226 -7.38 -0.57 14.73
N PHE A 227 -8.64 -0.89 14.40
CA PHE A 227 -9.53 -1.63 15.29
C PHE A 227 -10.06 -2.90 14.64
N HIS A 228 -10.41 -2.80 13.36
CA HIS A 228 -11.07 -3.86 12.59
C HIS A 228 -10.56 -5.27 12.89
N ASP A 229 -9.25 -5.50 12.79
CA ASP A 229 -8.74 -6.87 12.86
C ASP A 229 -8.77 -7.42 14.28
N TYR A 230 -8.92 -6.57 15.29
CA TYR A 230 -8.85 -6.99 16.68
C TYR A 230 -10.22 -7.24 17.31
N LEU A 231 -11.31 -7.11 16.55
CA LEU A 231 -12.64 -7.22 17.14
C LEU A 231 -12.81 -8.56 17.84
N ARG A 232 -13.40 -8.52 19.04
CA ARG A 232 -13.76 -9.78 19.72
C ARG A 232 -14.76 -10.58 18.90
N GLU A 233 -15.70 -9.89 18.26
CA GLU A 233 -16.73 -10.54 17.46
C GLU A 233 -16.49 -10.17 16.00
N LYS A 234 -15.84 -11.08 15.26
CA LYS A 234 -15.44 -10.76 13.89
C LYS A 234 -16.63 -10.41 13.01
N HIS A 235 -17.82 -10.98 13.27
CA HIS A 235 -18.95 -10.69 12.40
C HIS A 235 -19.29 -9.20 12.38
N GLN A 236 -18.89 -8.45 13.42
CA GLN A 236 -19.18 -7.01 13.41
C GLN A 236 -18.34 -6.28 12.37
N GLN A 237 -17.26 -6.90 11.88
CA GLN A 237 -16.49 -6.32 10.78
C GLN A 237 -17.39 -5.99 9.60
N ARG A 238 -18.31 -6.90 9.26
CA ARG A 238 -19.24 -6.68 8.17
C ARG A 238 -20.57 -6.11 8.65
N ASP A 239 -21.14 -6.68 9.72
CA ASP A 239 -22.47 -6.27 10.17
C ASP A 239 -22.50 -4.83 10.63
N CYS A 240 -21.39 -4.31 11.14
CA CYS A 240 -21.33 -2.96 11.70
C CYS A 240 -20.35 -2.08 10.95
N TYR A 241 -20.20 -2.29 9.64
CA TYR A 241 -19.07 -1.71 8.92
C TYR A 241 -19.11 -0.19 8.90
N GLU A 242 -20.29 0.39 8.68
CA GLU A 242 -20.37 1.84 8.55
C GLU A 242 -19.97 2.53 9.85
N ALA A 243 -20.47 2.03 10.98
CA ALA A 243 -20.09 2.61 12.26
C ALA A 243 -18.62 2.38 12.55
N LEU A 244 -18.12 1.19 12.18
CA LEU A 244 -16.70 0.89 12.37
C LEU A 244 -15.84 1.84 11.56
N LEU A 245 -16.19 2.07 10.30
CA LEU A 245 -15.43 2.98 9.45
C LEU A 245 -15.41 4.39 10.03
N GLU A 246 -16.53 4.84 10.59
CA GLU A 246 -16.56 6.18 11.16
C GLU A 246 -15.58 6.30 12.31
N LEU A 247 -15.44 5.25 13.11
CA LEU A 247 -14.54 5.32 14.25
C LEU A 247 -13.10 5.02 13.86
N GLU A 248 -12.89 4.16 12.87
CA GLU A 248 -11.57 4.06 12.26
C GLU A 248 -11.12 5.43 11.76
N THR A 249 -11.96 6.09 10.94
CA THR A 249 -11.64 7.42 10.44
C THR A 249 -11.30 8.41 11.56
N ARG A 250 -12.01 8.32 12.70
CA ARG A 250 -11.84 9.33 13.73
C ARG A 250 -10.48 9.25 14.40
N TYR A 251 -10.03 8.02 14.74
CA TYR A 251 -8.86 7.82 15.57
C TYR A 251 -7.60 7.43 14.80
N CYS A 252 -7.69 7.08 13.52
CA CYS A 252 -6.56 6.40 12.88
C CYS A 252 -5.37 7.31 12.59
N ARG A 253 -5.46 8.61 12.90
CA ARG A 253 -4.38 9.55 12.62
C ARG A 253 -3.79 10.13 13.89
N GLN A 254 -3.92 9.43 15.01
CA GLN A 254 -3.26 9.83 16.23
C GLN A 254 -2.69 8.60 16.92
N GLU A 255 -1.63 8.79 17.70
CA GLU A 255 -1.07 7.71 18.46
C GLU A 255 -1.97 7.39 19.65
N PRO A 256 -1.96 6.14 20.13
CA PRO A 256 -1.19 5.00 19.61
C PRO A 256 -1.85 4.34 18.40
N TYR A 257 -3.01 4.83 17.95
CA TYR A 257 -3.78 4.08 16.96
C TYR A 257 -3.06 3.98 15.63
N ILE A 258 -2.31 5.01 15.23
CA ILE A 258 -1.46 4.89 14.04
C ILE A 258 -0.64 3.62 14.12
N THR A 259 0.03 3.42 15.25
CA THR A 259 1.00 2.34 15.36
C THR A 259 0.34 1.00 15.62
N LEU A 260 -0.99 0.97 15.68
CA LEU A 260 -1.74 -0.27 15.75
C LEU A 260 -2.35 -0.69 14.42
N GLY A 261 -2.23 0.14 13.38
CA GLY A 261 -2.80 -0.24 12.10
C GLY A 261 -2.11 -1.46 11.51
N ARG A 262 -2.90 -2.36 10.89
CA ARG A 262 -2.30 -3.47 10.18
C ARG A 262 -1.36 -2.97 9.12
N TYR A 263 -1.75 -1.90 8.42
CA TYR A 263 -0.94 -1.12 7.50
C TYR A 263 -0.80 0.29 8.06
N ILE A 264 0.24 0.98 7.62
CA ILE A 264 0.41 2.41 7.90
C ILE A 264 0.68 3.10 6.58
N HIS A 265 -0.01 4.20 6.34
CA HIS A 265 0.10 4.98 5.12
C HIS A 265 0.88 6.24 5.44
N VAL A 266 2.10 6.34 4.93
CA VAL A 266 2.93 7.53 5.10
C VAL A 266 2.85 8.34 3.82
N THR A 267 2.60 9.62 3.96
CA THR A 267 2.65 10.58 2.87
C THR A 267 3.96 11.34 2.98
N ALA A 268 4.74 11.37 1.90
CA ALA A 268 6.06 11.99 1.96
C ALA A 268 6.31 12.80 0.71
N ARG A 269 7.04 13.90 0.89
CA ARG A 269 7.28 14.90 -0.15
C ARG A 269 8.73 14.87 -0.57
N LYS A 270 8.96 14.82 -1.88
CA LYS A 270 10.26 15.16 -2.41
C LYS A 270 10.44 16.66 -2.34
N PRO A 271 11.47 17.17 -1.68
CA PRO A 271 11.64 18.63 -1.57
C PRO A 271 11.92 19.27 -2.92
N GLN A 272 11.65 20.57 -2.98
CA GLN A 272 12.14 21.47 -4.02
C GLN A 272 13.23 22.36 -3.43
N SER A 273 14.07 22.92 -4.29
CA SER A 273 15.03 23.91 -3.80
C SER A 273 14.42 25.31 -3.86
N1 4SU B 8 9.77 -55.53 11.35
C2 4SU B 8 8.47 -55.24 11.02
N3 4SU B 8 7.54 -55.22 12.02
C4 4SU B 8 7.85 -55.36 13.34
C5 4SU B 8 9.23 -55.56 13.67
C6 4SU B 8 10.15 -55.67 12.66
O2 4SU B 8 8.11 -55.10 9.85
S4 4SU B 8 6.61 -55.31 14.48
C1' 4SU B 8 10.73 -55.67 10.23
C2' 4SU B 8 11.36 -54.30 9.89
O2' 4SU B 8 11.65 -54.27 8.51
C3' 4SU B 8 12.65 -54.34 10.71
C4' 4SU B 8 13.04 -55.81 10.65
O3' 4SU B 8 13.68 -53.51 10.20
O4' 4SU B 8 11.79 -56.53 10.60
C5' 4SU B 8 13.98 -56.35 11.71
O5' 4SU B 8 13.42 -56.20 13.01
P 4SU B 8 14.34 -55.80 14.23
OP1 4SU B 8 15.06 -54.51 13.95
OP2 4SU B 8 13.43 -55.93 15.45
P OMG B 17 1.69 -69.25 6.76
OP1 OMG B 17 0.47 -68.40 6.52
OP2 OMG B 17 1.54 -70.68 7.27
O5' OMG B 17 2.54 -69.36 5.41
C5' OMG B 17 3.60 -68.46 5.17
C4' OMG B 17 3.67 -68.07 3.71
O4' OMG B 17 4.74 -68.80 3.05
C3' OMG B 17 2.40 -68.31 2.87
O3' OMG B 17 2.25 -67.23 1.95
C2' OMG B 17 2.77 -69.56 2.08
O2' OMG B 17 2.08 -69.73 0.84
CM2 OMG B 17 0.68 -69.88 0.99
C1' OMG B 17 4.24 -69.32 1.83
N9 OMG B 17 4.98 -70.49 1.41
C8 OMG B 17 4.82 -71.78 1.86
N7 OMG B 17 5.61 -72.63 1.28
C5 OMG B 17 6.36 -71.85 0.38
C6 OMG B 17 7.38 -72.23 -0.51
O6 OMG B 17 7.84 -73.37 -0.72
N1 OMG B 17 7.85 -71.13 -1.24
C2 OMG B 17 7.41 -69.85 -1.09
N2 OMG B 17 7.99 -68.92 -1.87
N3 OMG B 17 6.45 -69.49 -0.24
C4 OMG B 17 5.97 -70.54 0.46
P H2U B 19 2.48 -61.07 -2.10
OP1 H2U B 19 3.40 -60.61 -3.20
OP2 H2U B 19 3.05 -61.19 -0.70
O5' H2U B 19 1.20 -60.14 -2.05
C5' H2U B 19 0.47 -59.83 -3.22
C4' H2U B 19 -0.47 -58.66 -3.00
O4' H2U B 19 -1.36 -58.54 -4.14
C3' H2U B 19 -1.36 -58.79 -1.77
O3' H2U B 19 -1.67 -57.49 -1.28
C1' H2U B 19 -2.70 -58.69 -3.72
C2' H2U B 19 -2.62 -59.41 -2.37
O2' H2U B 19 -3.79 -59.21 -1.60
N1 H2U B 19 -3.45 -59.42 -4.75
C2 H2U B 19 -4.24 -58.67 -5.54
O2 H2U B 19 -4.31 -57.45 -5.38
N3 H2U B 19 -5.03 -59.30 -6.44
C4 H2U B 19 -4.91 -60.63 -6.77
O4 H2U B 19 -5.72 -61.15 -7.53
C5 H2U B 19 -3.73 -61.36 -6.24
C6 H2U B 19 -3.34 -60.88 -4.84
P H2U B 20 -1.10 -56.99 0.15
OP1 H2U B 20 -1.56 -57.96 1.21
OP2 H2U B 20 -1.45 -55.52 0.28
O5' H2U B 20 0.48 -57.12 0.02
C5' H2U B 20 1.27 -56.09 -0.59
C4' H2U B 20 2.73 -56.22 -0.19
O4' H2U B 20 2.83 -56.08 1.25
C3' H2U B 20 3.38 -57.56 -0.54
O3' H2U B 20 4.76 -57.36 -0.82
C1' H2U B 20 3.45 -57.23 1.80
C2' H2U B 20 3.25 -58.34 0.77
O2' H2U B 20 4.21 -59.37 0.94
N1 H2U B 20 2.86 -57.53 3.11
C2 H2U B 20 3.69 -57.52 4.17
O2 H2U B 20 4.89 -57.37 4.01
N3 H2U B 20 3.16 -57.70 5.39
C4 H2U B 20 1.82 -57.75 5.67
O4 H2U B 20 1.43 -57.96 6.81
C5 H2U B 20 0.88 -57.48 4.54
C6 H2U B 20 1.45 -57.92 3.20
N1 OMC B 33 -4.79 -23.96 5.02
C2 OMC B 33 -4.20 -24.14 6.27
N3 OMC B 33 -2.85 -24.26 6.38
C4 OMC B 33 -2.09 -24.17 5.28
C5 OMC B 33 -2.67 -23.97 3.99
C6 OMC B 33 -4.01 -23.87 3.91
O2 OMC B 33 -4.94 -24.21 7.27
N4 OMC B 33 -0.77 -24.30 5.42
C1' OMC B 33 -6.27 -23.83 4.96
C2' OMC B 33 -6.67 -22.37 5.26
O2' OMC B 33 -7.94 -22.35 5.89
CM2 OMC B 33 -7.87 -22.69 7.27
C3' OMC B 33 -6.77 -21.79 3.86
C4' OMC B 33 -7.30 -22.95 3.04
O4' OMC B 33 -6.71 -24.12 3.65
O3' OMC B 33 -7.66 -20.68 3.79
C5' OMC B 33 -7.08 -22.93 1.56
O5' OMC B 33 -5.71 -22.68 1.27
P OMC B 33 -5.19 -22.77 -0.23
OP1 OMC B 33 -6.13 -21.94 -1.08
OP2 OMC B 33 -3.70 -22.53 -0.18
P CM0 B 35 -6.61 -14.05 5.51
O5' CM0 B 35 -5.48 -13.31 6.37
O3P CM0 B 35 -5.94 -14.70 4.32
C3' CM0 B 35 -3.37 -12.01 8.17
N1 CM0 B 35 -3.10 -9.68 5.65
C5' CM0 B 35 -4.27 -13.96 6.71
O2P CM0 B 35 -7.66 -12.96 5.25
C4' CM0 B 35 -3.17 -12.97 7.00
C2 CM0 B 35 -4.22 -9.10 6.23
C5 CM0 B 35 -3.04 -8.04 3.90
O4' CM0 B 35 -2.92 -12.10 5.87
C2' CM0 B 35 -2.44 -10.84 7.84
O2 CM0 B 35 -4.79 -9.52 7.22
N3 CM0 B 35 -4.72 -8.00 5.58
C4 CM0 B 35 -4.19 -7.41 4.45
O4 CM0 B 35 -4.74 -6.41 3.96
C6 CM0 B 35 -2.51 -9.15 4.53
C7 CM0 B 35 -1.37 -8.23 2.22
C8 CM0 B 35 -0.85 -7.54 0.98
O5 CM0 B 35 -2.48 -7.53 2.76
O8 CM0 B 35 -1.51 -6.57 0.56
C1' CM0 B 35 -2.42 -10.86 6.30
O2' CM0 B 35 -1.13 -11.04 8.35
O9 CM0 B 35 0.19 -7.99 0.46
O3' CM0 B 35 -3.01 -12.63 9.38
P ZJS B 38 1.70 -23.49 12.71
OP1 ZJS B 38 0.75 -23.38 11.54
OP2 ZJS B 38 3.11 -23.98 12.49
O5' ZJS B 38 0.94 -24.44 13.74
C5' ZJS B 38 1.50 -24.78 15.00
C4' ZJS B 38 0.45 -25.36 15.89
O4' ZJS B 38 -0.62 -24.39 16.06
C3' ZJS B 38 -0.27 -26.60 15.35
O3' ZJS B 38 0.46 -27.80 15.59
C2' ZJS B 38 -1.59 -26.56 16.10
O2' ZJS B 38 -1.41 -27.01 17.43
C1' ZJS B 38 -1.86 -25.06 16.13
N9 ZJS B 38 -2.68 -24.64 14.98
C8 ZJS B 38 -2.25 -24.06 13.83
N7 ZJS B 38 -3.24 -23.82 12.99
C5 ZJS B 38 -4.38 -24.29 13.64
C6 ZJS B 38 -5.74 -24.32 13.29
N6 ZJS B 38 -6.21 -23.86 12.12
N1 ZJS B 38 -6.60 -24.85 14.19
C2 ZJS B 38 -6.12 -25.30 15.36
N3 ZJS B 38 -4.86 -25.31 15.79
C4 ZJS B 38 -4.03 -24.79 14.88
C12 ZJS B 38 -7.62 -23.86 11.77
C13 ZJS B 38 -8.06 -22.53 11.21
C14 ZJS B 38 -9.57 -22.44 10.99
C15 ZJS B 38 -10.05 -23.55 10.07
C16 ZJS B 38 -10.32 -22.46 12.30
N1 5MU B 66 13.72 -74.01 -0.94
C2 5MU B 66 12.63 -73.25 -0.58
N3 5MU B 66 12.68 -71.93 -0.94
C4 5MU B 66 13.66 -71.31 -1.68
C5 5MU B 66 14.77 -72.16 -2.07
C5M 5MU B 66 15.88 -71.56 -2.87
C6 5MU B 66 14.74 -73.45 -1.69
O2 5MU B 66 11.70 -73.70 0.10
O4 5MU B 66 13.57 -70.11 -1.95
C1' 5MU B 66 13.70 -75.45 -0.56
C2' 5MU B 66 12.78 -76.20 -1.53
O2' 5MU B 66 12.33 -77.40 -0.91
C3' 5MU B 66 13.73 -76.51 -2.67
C4' 5MU B 66 15.02 -76.86 -1.94
O3' 5MU B 66 13.31 -77.58 -3.52
O4' 5MU B 66 14.99 -76.02 -0.74
C5' 5MU B 66 16.32 -76.70 -2.67
O5' 5MU B 66 16.36 -75.50 -3.41
P 5MU B 66 17.57 -75.21 -4.40
OP1 5MU B 66 17.77 -76.43 -5.27
OP2 5MU B 66 17.31 -73.89 -5.10
N1 PSU B 67 12.67 -72.34 -5.02
C2 PSU B 67 12.53 -70.98 -4.96
N3 PSU B 67 11.35 -70.53 -4.41
C4 PSU B 67 10.36 -71.35 -3.92
C5 PSU B 67 10.56 -72.76 -4.00
C6 PSU B 67 11.74 -73.22 -4.56
O2 PSU B 67 13.38 -70.21 -5.37
O4 PSU B 67 9.34 -70.83 -3.44
C1' PSU B 67 9.49 -73.70 -3.51
C2' PSU B 67 8.41 -73.96 -4.56
O2' PSU B 67 7.23 -74.35 -3.88
C3' PSU B 67 9.03 -75.15 -5.26
C4' PSU B 67 9.52 -75.98 -4.09
O3' PSU B 67 8.19 -75.84 -6.17
O4' PSU B 67 10.05 -74.97 -3.19
C5' PSU B 67 10.53 -77.05 -4.39
O5' PSU B 67 11.65 -76.53 -5.10
P PSU B 67 13.03 -77.32 -5.10
OP1 PSU B 67 12.73 -78.67 -5.71
OP2 PSU B 67 14.15 -76.47 -5.68
N SFG C . -0.54 -2.18 -4.88
CA SFG C . -1.16 -3.51 -4.65
C SFG C . -2.37 -3.35 -3.73
O SFG C . -2.37 -2.38 -2.93
OXT SFG C . -3.28 -4.22 -3.81
CB SFG C . -0.13 -4.44 -4.02
CG SFG C . -0.49 -5.90 -4.04
CD SFG C . 0.53 -6.78 -3.32
NE SFG C . 0.43 -6.54 -1.85
C5' SFG C . 1.95 -6.45 -3.75
C4' SFG C . 2.27 -6.55 -5.24
O4' SFG C . 3.64 -6.15 -5.42
C3' SFG C . 2.15 -7.94 -5.85
O3' SFG C . 1.31 -7.80 -6.99
C2' SFG C . 3.59 -8.30 -6.25
O2' SFG C . 3.67 -9.09 -7.42
C1' SFG C . 4.20 -6.91 -6.46
N9 SFG C . 5.64 -6.80 -6.25
C8 SFG C . 6.40 -7.37 -5.27
N7 SFG C . 7.66 -7.00 -5.31
C5 SFG C . 7.73 -6.12 -6.39
C6 SFG C . 8.79 -5.39 -6.96
N6 SFG C . 10.04 -5.42 -6.52
N1 SFG C . 8.50 -4.60 -8.02
C2 SFG C . 7.24 -4.57 -8.47
N3 SFG C . 6.16 -5.21 -8.02
C4 SFG C . 6.48 -5.98 -6.97
MG MG D . 4.19 -45.97 7.09
MG MG E . 0.13 -39.30 5.91
MG MG F . 15.42 -65.98 -2.05
MG MG G . 12.13 -51.79 15.56
MG MG H . 17.45 -61.87 4.57
MG MG I . 10.10 -48.14 0.15
MG MG J . 7.52 -61.07 -1.35
#